data_4HPO
#
_entry.id   4HPO
#
_cell.length_a   140.594
_cell.length_b   75.804
_cell.length_c   54.688
_cell.angle_alpha   90.00
_cell.angle_beta   111.99
_cell.angle_gamma   90.00
#
_symmetry.space_group_name_H-M   'C 1 2 1'
#
loop_
_entity.id
_entity.type
_entity.pdbx_description
1 polymer 'CH58 Fab heavy chain'
2 polymer 'CH58 Fab light chain'
3 polymer 'Envelope glycoprotein gp160'
4 branched alpha-L-fucopyranose-(1-6)-2-acetamido-2-deoxy-beta-D-glucopyranose
5 water water
#
loop_
_entity_poly.entity_id
_entity_poly.type
_entity_poly.pdbx_seq_one_letter_code
_entity_poly.pdbx_strand_id
1 'polypeptide(L)'
;EVQLVQSGAEVKKPGESLKISCKGSGYRFTSYWIVWVRQMPGKGLEWMGIIYPGDFDTKYSPSFQGQVTISADKSISTAY
LQWSSLKASDTAMYYCARLGGRYYHDSSGYYYLDYWGQGTLVTVSSASTKGPSVFPLAPSSKSTSGGTAALGCLVKDYFP
EPVTVSWNSGALTSGVHTFPAVLQSSGLYSLSSVVTVPSSSLGTQTYICNVNHKPSNTKVDKRVEPKSCDK
;
H
2 'polypeptide(L)'
;NFMLTQPHSVSESPGKTVTISCTRSSGSVASDYVQWYQQRPGSAPTTVVYEDNQRPSGVPDRFSGSIDSSSNSASLTISG
LKTEDEADYYCQSYDNSSWVFGGGTKLTVLGQPKAAPSVTLFPPSSEELQANKATLVCLISDFYPGAVTVAWKADSSPVK
AGVETTTPSKQSNNKYAASSYLSLTPEQWKSHRSYSCQVTHEGSTVEKTVAPTECS
;
L
3 'polypeptide(L)' ELRDKKQKVHALFYKLDIV P
#
# COMPACT_ATOMS: atom_id res chain seq x y z
N GLU A 1 26.81 19.46 -1.23
CA GLU A 1 25.59 18.74 -1.61
C GLU A 1 24.80 18.26 -0.40
N VAL A 2 23.56 18.69 -0.29
CA VAL A 2 22.73 18.30 0.85
C VAL A 2 22.34 16.84 0.73
N GLN A 3 22.49 16.11 1.82
CA GLN A 3 22.16 14.69 1.80
C GLN A 3 21.60 14.24 3.15
N LEU A 4 20.56 13.40 3.09
CA LEU A 4 20.06 12.70 4.26
C LEU A 4 20.27 11.21 4.02
N VAL A 5 21.04 10.58 4.89
CA VAL A 5 21.36 9.16 4.75
C VAL A 5 20.88 8.39 5.97
N GLN A 6 20.00 7.42 5.74
CA GLN A 6 19.44 6.63 6.83
C GLN A 6 20.20 5.32 7.02
N SER A 7 20.02 4.72 8.19
CA SER A 7 20.66 3.45 8.50
C SER A 7 20.00 2.31 7.74
N GLY A 8 20.65 1.15 7.78
CA GLY A 8 20.21 0.00 7.00
C GLY A 8 18.99 -0.74 7.52
N ALA A 9 18.47 -1.64 6.69
CA ALA A 9 17.28 -2.41 7.03
C ALA A 9 17.42 -3.14 8.36
N GLU A 10 16.32 -3.23 9.09
CA GLU A 10 16.32 -3.89 10.39
C GLU A 10 15.37 -5.08 10.42
N VAL A 11 15.84 -6.18 11.00
CA VAL A 11 14.98 -7.33 11.22
C VAL A 11 14.96 -7.62 12.71
N LYS A 12 13.80 -7.43 13.32
CA LYS A 12 13.68 -7.54 14.77
C LYS A 12 12.50 -8.44 15.15
N LYS A 13 12.36 -8.70 16.45
CA LYS A 13 11.25 -9.47 16.96
C LYS A 13 10.47 -8.60 17.94
N PRO A 14 9.15 -8.80 18.02
CA PRO A 14 8.28 -8.02 18.92
C PRO A 14 8.76 -8.04 20.37
N GLY A 15 8.73 -6.88 21.01
CA GLY A 15 9.19 -6.76 22.39
C GLY A 15 10.57 -6.15 22.49
N GLU A 16 11.29 -6.13 21.38
CA GLU A 16 12.64 -5.56 21.34
C GLU A 16 12.60 -4.05 21.12
N SER A 17 13.69 -3.39 21.47
CA SER A 17 13.82 -1.96 21.25
C SER A 17 14.63 -1.72 19.99
N LEU A 18 14.51 -0.52 19.43
CA LEU A 18 15.21 -0.21 18.20
C LEU A 18 15.36 1.29 18.03
N LYS A 19 16.51 1.69 17.51
CA LYS A 19 16.77 3.10 17.22
C LYS A 19 17.38 3.16 15.82
N ILE A 20 16.66 3.79 14.90
CA ILE A 20 17.19 3.99 13.56
C ILE A 20 17.57 5.46 13.39
N SER A 21 18.43 5.74 12.42
CA SER A 21 19.02 7.07 12.31
C SER A 21 18.87 7.72 10.94
N CYS A 22 19.03 9.04 10.93
CA CYS A 22 18.96 9.85 9.74
C CYS A 22 20.05 10.90 9.89
N LYS A 23 21.15 10.73 9.17
CA LYS A 23 22.28 11.66 9.28
C LYS A 23 22.23 12.70 8.18
N GLY A 24 22.37 13.97 8.57
CA GLY A 24 22.38 15.04 7.60
C GLY A 24 23.79 15.52 7.32
N SER A 25 24.06 15.86 6.07
CA SER A 25 25.35 16.41 5.69
C SER A 25 25.16 17.47 4.61
N GLY A 26 26.17 18.32 4.42
CA GLY A 26 26.10 19.36 3.41
C GLY A 26 25.34 20.61 3.82
N TYR A 27 24.96 20.70 5.09
CA TYR A 27 24.23 21.86 5.59
C TYR A 27 24.27 21.95 7.11
N ARG A 28 23.84 23.08 7.66
CA ARG A 28 23.80 23.24 9.10
C ARG A 28 22.63 22.46 9.69
N PHE A 29 22.94 21.31 10.27
CA PHE A 29 21.92 20.38 10.76
C PHE A 29 20.94 21.02 11.75
N THR A 30 21.44 21.90 12.62
CA THR A 30 20.61 22.44 13.69
C THR A 30 19.60 23.48 13.22
N SER A 31 19.70 23.87 11.95
CA SER A 31 18.88 24.98 11.45
C SER A 31 17.60 24.57 10.72
N TYR A 32 17.33 23.28 10.61
CA TYR A 32 16.19 22.80 9.82
C TYR A 32 15.45 21.66 10.51
N TRP A 33 14.12 21.72 10.53
CA TRP A 33 13.31 20.64 11.08
C TRP A 33 13.55 19.33 10.34
N ILE A 34 13.51 18.22 11.07
CA ILE A 34 13.47 16.89 10.45
C ILE A 34 12.12 16.21 10.73
N VAL A 35 11.46 15.76 9.67
CA VAL A 35 10.20 15.02 9.76
C VAL A 35 10.47 13.53 9.65
N TRP A 36 9.70 12.71 10.36
CA TRP A 36 9.68 11.27 10.13
C TRP A 36 8.33 10.86 9.60
N VAL A 37 8.35 9.94 8.65
CA VAL A 37 7.15 9.49 7.96
C VAL A 37 7.22 7.98 7.92
N ARG A 38 6.09 7.33 8.15
CA ARG A 38 6.00 5.88 8.11
C ARG A 38 5.21 5.45 6.90
N GLN A 39 5.56 4.29 6.35
CA GLN A 39 4.78 3.75 5.26
C GLN A 39 4.73 2.24 5.38
N MET A 40 3.58 1.73 5.81
CA MET A 40 3.40 0.29 5.95
C MET A 40 3.32 -0.34 4.57
N PRO A 41 3.68 -1.63 4.45
CA PRO A 41 3.74 -2.22 3.10
C PRO A 41 2.42 -2.13 2.33
N GLY A 42 2.51 -1.63 1.10
CA GLY A 42 1.36 -1.46 0.24
C GLY A 42 0.40 -0.36 0.68
N LYS A 43 0.83 0.48 1.62
CA LYS A 43 -0.06 1.49 2.19
C LYS A 43 0.49 2.91 1.94
N GLY A 44 -0.25 3.92 2.42
CA GLY A 44 0.14 5.31 2.18
C GLY A 44 1.09 5.89 3.20
N LEU A 45 1.43 7.16 3.03
CA LEU A 45 2.30 7.88 3.97
C LEU A 45 1.59 8.30 5.24
N GLU A 46 2.26 8.16 6.39
CA GLU A 46 1.75 8.60 7.67
C GLU A 46 2.77 9.50 8.37
N TRP A 47 2.34 10.67 8.84
CA TRP A 47 3.26 11.58 9.52
C TRP A 47 3.45 11.07 10.93
N MET A 48 4.70 10.96 11.37
CA MET A 48 4.97 10.49 12.72
C MET A 48 5.22 11.62 13.67
N GLY A 49 6.07 12.55 13.24
CA GLY A 49 6.43 13.67 14.08
C GLY A 49 7.51 14.50 13.43
N ILE A 50 8.04 15.43 14.21
CA ILE A 50 8.98 16.39 13.69
C ILE A 50 9.84 16.91 14.84
N ILE A 51 11.10 17.17 14.56
CA ILE A 51 12.00 17.73 15.57
C ILE A 51 12.86 18.86 15.01
N TYR A 52 13.01 19.92 15.79
CA TYR A 52 13.94 20.98 15.43
C TYR A 52 15.22 20.79 16.23
N PRO A 53 16.30 20.39 15.55
CA PRO A 53 17.51 19.98 16.28
C PRO A 53 18.12 21.11 17.12
N GLY A 54 17.92 22.37 16.72
CA GLY A 54 18.48 23.49 17.44
C GLY A 54 18.09 23.61 18.90
N ASP A 55 16.82 23.41 19.22
CA ASP A 55 16.36 23.52 20.59
C ASP A 55 15.56 22.29 21.02
N PHE A 56 15.62 21.26 20.18
CA PHE A 56 15.01 19.95 20.45
C PHE A 56 13.47 19.98 20.55
N ASP A 57 12.88 21.05 20.01
CA ASP A 57 11.43 21.18 19.97
C ASP A 57 10.85 20.03 19.15
N THR A 58 9.96 19.24 19.75
CA THR A 58 9.46 18.02 19.12
C THR A 58 7.94 17.95 19.14
N LYS A 59 7.32 17.63 18.00
CA LYS A 59 5.89 17.37 17.95
C LYS A 59 5.62 15.99 17.36
N TYR A 60 4.61 15.32 17.90
CA TYR A 60 4.22 13.99 17.48
C TYR A 60 2.80 13.99 16.95
N SER A 61 2.53 13.17 15.95
CA SER A 61 1.14 12.88 15.59
C SER A 61 0.45 12.28 16.82
N PRO A 62 -0.84 12.62 17.01
CA PRO A 62 -1.60 12.06 18.13
C PRO A 62 -1.58 10.53 18.11
N SER A 63 -1.52 9.95 16.92
CA SER A 63 -1.56 8.49 16.79
C SER A 63 -0.22 7.79 17.05
N PHE A 64 0.84 8.58 17.27
CA PHE A 64 2.17 8.04 17.54
C PHE A 64 2.73 8.51 18.88
N GLN A 65 2.08 9.51 19.48
CA GLN A 65 2.44 10.01 20.80
C GLN A 65 2.41 8.87 21.80
N GLY A 66 3.50 8.69 22.56
CA GLY A 66 3.56 7.67 23.59
C GLY A 66 3.93 6.30 23.03
N GLN A 67 4.03 6.22 21.71
CA GLN A 67 4.36 4.96 21.04
C GLN A 67 5.81 4.96 20.59
N VAL A 68 6.36 6.15 20.38
CA VAL A 68 7.66 6.27 19.75
C VAL A 68 8.34 7.53 20.26
N THR A 69 9.67 7.58 20.16
CA THR A 69 10.40 8.74 20.60
C THR A 69 11.25 9.31 19.47
N ILE A 70 11.16 10.62 19.26
CA ILE A 70 12.00 11.26 18.26
C ILE A 70 13.08 12.06 18.98
N SER A 71 14.31 11.92 18.53
CA SER A 71 15.41 12.65 19.13
C SER A 71 16.46 13.09 18.12
N ALA A 72 17.52 13.70 18.64
CA ALA A 72 18.54 14.28 17.79
C ALA A 72 19.83 14.42 18.58
N ASP A 73 20.94 14.23 17.88
CA ASP A 73 22.27 14.44 18.44
C ASP A 73 22.99 15.44 17.57
N LYS A 74 23.14 16.67 18.07
CA LYS A 74 23.76 17.77 17.33
C LYS A 74 25.17 17.44 16.87
N SER A 75 25.97 16.87 17.78
CA SER A 75 27.40 16.66 17.54
C SER A 75 27.71 15.85 16.28
N ILE A 76 26.84 14.90 15.96
CA ILE A 76 27.04 14.06 14.78
C ILE A 76 26.00 14.31 13.68
N SER A 77 25.26 15.41 13.80
CA SER A 77 24.23 15.78 12.81
C SER A 77 23.28 14.63 12.47
N THR A 78 22.69 14.04 13.51
CA THR A 78 21.86 12.86 13.32
C THR A 78 20.53 12.92 14.08
N ALA A 79 19.45 12.64 13.36
CA ALA A 79 18.13 12.53 13.96
C ALA A 79 17.82 11.06 14.17
N TYR A 80 17.03 10.75 15.19
CA TYR A 80 16.72 9.36 15.51
C TYR A 80 15.23 9.15 15.69
N LEU A 81 14.81 7.93 15.43
CA LEU A 81 13.46 7.49 15.73
C LEU A 81 13.66 6.24 16.55
N GLN A 82 12.99 6.13 17.69
CA GLN A 82 13.19 4.94 18.50
C GLN A 82 11.94 4.41 19.21
N TRP A 83 11.90 3.09 19.38
CA TRP A 83 10.81 2.40 20.06
C TRP A 83 11.33 1.70 21.31
N SER A 84 10.50 1.63 22.34
CA SER A 84 10.87 0.92 23.56
C SER A 84 10.50 -0.56 23.46
N SER A 85 9.34 -0.85 22.87
CA SER A 85 8.88 -2.23 22.70
C SER A 85 8.20 -2.38 21.34
N LEU A 86 8.97 -2.86 20.36
CA LEU A 86 8.47 -3.06 19.00
C LEU A 86 7.27 -4.01 18.96
N LYS A 87 6.36 -3.74 18.03
CA LYS A 87 5.21 -4.60 17.77
C LYS A 87 5.29 -5.02 16.31
N ALA A 88 4.60 -6.09 15.94
CA ALA A 88 4.60 -6.55 14.56
C ALA A 88 4.06 -5.47 13.62
N SER A 89 3.15 -4.66 14.15
CA SER A 89 2.53 -3.59 13.38
C SER A 89 3.49 -2.42 13.07
N ASP A 90 4.71 -2.47 13.62
CA ASP A 90 5.72 -1.44 13.34
C ASP A 90 6.49 -1.74 12.05
N THR A 91 6.18 -2.89 11.47
CA THR A 91 6.76 -3.26 10.19
C THR A 91 6.36 -2.24 9.13
N ALA A 92 7.35 -1.48 8.65
CA ALA A 92 7.10 -0.41 7.70
C ALA A 92 8.41 0.13 7.16
N MET A 93 8.30 0.97 6.13
CA MET A 93 9.40 1.78 5.68
C MET A 93 9.30 3.10 6.42
N TYR A 94 10.43 3.58 6.93
CA TYR A 94 10.47 4.86 7.62
C TYR A 94 11.38 5.82 6.88
N TYR A 95 10.88 7.02 6.60
CA TYR A 95 11.65 8.04 5.90
C TYR A 95 11.84 9.22 6.81
N CYS A 96 13.01 9.83 6.75
CA CYS A 96 13.18 11.19 7.29
C CYS A 96 13.24 12.18 6.13
N ALA A 97 13.01 13.45 6.44
CA ALA A 97 13.05 14.46 5.41
C ALA A 97 13.35 15.79 6.08
N ARG A 98 14.08 16.65 5.37
CA ARG A 98 14.42 17.98 5.90
C ARG A 98 13.39 19.00 5.45
N LEU A 99 12.92 19.79 6.41
CA LEU A 99 12.04 20.91 6.10
C LEU A 99 12.92 22.10 5.74
N GLY A 100 13.03 22.34 4.43
CA GLY A 100 13.83 23.44 3.91
C GLY A 100 12.94 24.64 3.68
N GLY A 101 13.46 25.66 3.01
CA GLY A 101 12.66 26.82 2.69
C GLY A 101 13.36 28.10 3.07
N ARG A 102 12.56 29.08 3.46
CA ARG A 102 13.08 30.38 3.89
C ARG A 102 12.54 30.62 5.28
N TYR A 103 13.41 30.49 6.29
CA TYR A 103 12.98 30.66 7.68
C TYR A 103 13.04 32.14 8.07
N TYR A 104 12.12 32.92 7.52
CA TYR A 104 11.98 34.33 7.89
C TYR A 104 10.56 34.53 8.38
N HIS A 105 10.39 35.25 9.49
CA HIS A 105 9.06 35.47 10.05
C HIS A 105 8.37 36.67 9.39
N ASP A 106 8.16 36.55 8.08
CA ASP A 106 7.44 37.55 7.32
C ASP A 106 6.79 36.83 6.18
N SER A 107 6.11 37.55 5.28
CA SER A 107 5.36 36.82 4.26
C SER A 107 6.23 36.12 3.19
N SER A 108 7.54 36.39 3.16
CA SER A 108 8.42 35.68 2.23
C SER A 108 8.78 34.29 2.74
N GLY A 109 8.64 34.06 4.05
CA GLY A 109 9.03 32.78 4.62
C GLY A 109 8.19 31.66 4.05
N TYR A 110 8.76 30.47 3.92
CA TYR A 110 8.00 29.29 3.52
C TYR A 110 8.75 28.04 3.94
N TYR A 111 8.06 26.89 3.94
CA TYR A 111 8.65 25.68 4.49
C TYR A 111 8.16 24.50 3.64
N TYR A 112 9.08 23.65 3.22
CA TYR A 112 8.67 22.42 2.57
C TYR A 112 9.75 21.39 2.64
N LEU A 113 9.37 20.13 2.44
CA LEU A 113 10.32 19.04 2.54
C LEU A 113 11.13 18.97 1.25
N ASP A 114 12.38 19.41 1.31
CA ASP A 114 13.16 19.56 0.10
C ASP A 114 14.20 18.47 -0.14
N TYR A 115 14.54 17.73 0.91
CA TYR A 115 15.42 16.57 0.78
C TYR A 115 14.88 15.40 1.59
N TRP A 116 15.01 14.20 1.05
CA TRP A 116 14.49 13.02 1.71
C TRP A 116 15.62 12.00 1.89
N GLY A 117 15.60 11.30 3.03
CA GLY A 117 16.44 10.12 3.20
C GLY A 117 15.95 9.01 2.30
N GLN A 118 16.74 7.94 2.17
CA GLN A 118 16.41 6.87 1.23
C GLN A 118 15.43 5.87 1.83
N GLY A 119 15.18 6.01 3.12
CA GLY A 119 14.26 5.13 3.82
C GLY A 119 14.97 4.01 4.56
N THR A 120 14.36 3.55 5.64
CA THR A 120 14.85 2.38 6.37
C THR A 120 13.68 1.43 6.56
N LEU A 121 13.84 0.20 6.08
CA LEU A 121 12.83 -0.81 6.24
C LEU A 121 13.01 -1.49 7.60
N VAL A 122 11.95 -1.52 8.39
CA VAL A 122 11.97 -2.25 9.65
C VAL A 122 10.97 -3.39 9.54
N THR A 123 11.46 -4.63 9.67
CA THR A 123 10.60 -5.81 9.66
C THR A 123 10.61 -6.46 11.03
N VAL A 124 9.44 -6.47 11.67
CA VAL A 124 9.30 -7.05 13.00
C VAL A 124 8.43 -8.29 12.91
N SER A 125 9.03 -9.45 13.15
CA SER A 125 8.31 -10.71 12.99
C SER A 125 8.58 -11.69 14.14
N SER A 128 8.23 -17.66 14.98
CA SER A 128 7.77 -19.03 14.94
C SER A 128 7.30 -19.39 13.53
N THR A 129 7.39 -20.67 13.18
CA THR A 129 7.05 -21.12 11.83
C THR A 129 5.88 -22.09 11.83
N LYS A 130 5.08 -22.06 10.77
CA LYS A 130 3.96 -22.98 10.61
C LYS A 130 3.74 -23.37 9.14
N GLY A 131 3.62 -24.66 8.88
CA GLY A 131 3.29 -25.14 7.55
C GLY A 131 1.83 -24.88 7.24
N PRO A 132 1.50 -24.83 5.95
CA PRO A 132 0.13 -24.56 5.49
C PRO A 132 -0.77 -25.81 5.42
N SER A 133 -2.08 -25.57 5.43
CA SER A 133 -3.06 -26.56 5.01
C SER A 133 -3.31 -26.34 3.53
N VAL A 134 -3.41 -27.41 2.77
CA VAL A 134 -3.58 -27.29 1.33
C VAL A 134 -4.91 -27.90 0.92
N PHE A 135 -5.74 -27.11 0.25
CA PHE A 135 -7.05 -27.57 -0.18
C PHE A 135 -7.17 -27.52 -1.69
N PRO A 136 -7.78 -28.54 -2.29
CA PRO A 136 -8.03 -28.53 -3.73
C PRO A 136 -9.13 -27.54 -4.06
N LEU A 137 -8.95 -26.77 -5.14
CA LEU A 137 -10.04 -25.95 -5.66
C LEU A 137 -10.52 -26.62 -6.94
N ALA A 138 -11.57 -27.42 -6.82
CA ALA A 138 -12.03 -28.28 -7.91
C ALA A 138 -12.62 -27.48 -9.07
N PRO A 139 -12.43 -27.97 -10.31
CA PRO A 139 -13.03 -27.30 -11.47
C PRO A 139 -14.53 -27.52 -11.49
N SER A 140 -15.28 -26.60 -12.10
CA SER A 140 -16.72 -26.76 -12.23
C SER A 140 -17.25 -26.01 -13.45
N THR A 148 -12.73 -24.90 -21.74
CA THR A 148 -11.84 -24.23 -20.79
C THR A 148 -12.31 -24.38 -19.34
N ALA A 149 -11.43 -24.94 -18.51
CA ALA A 149 -11.74 -25.18 -17.10
C ALA A 149 -10.62 -24.60 -16.24
N ALA A 150 -10.98 -24.11 -15.06
CA ALA A 150 -10.00 -23.58 -14.12
C ALA A 150 -10.00 -24.41 -12.83
N LEU A 151 -8.84 -24.85 -12.39
CA LEU A 151 -8.77 -25.57 -11.12
C LEU A 151 -7.59 -25.07 -10.33
N GLY A 152 -7.60 -25.25 -9.02
CA GLY A 152 -6.49 -24.72 -8.27
C GLY A 152 -6.20 -25.37 -6.95
N CYS A 153 -5.32 -24.71 -6.20
CA CYS A 153 -4.97 -25.10 -4.85
C CYS A 153 -4.93 -23.88 -3.95
N LEU A 154 -5.58 -23.99 -2.79
CA LEU A 154 -5.56 -22.98 -1.76
C LEU A 154 -4.51 -23.37 -0.73
N VAL A 155 -3.55 -22.49 -0.48
CA VAL A 155 -2.50 -22.76 0.48
C VAL A 155 -2.77 -21.87 1.69
N LYS A 156 -3.28 -22.49 2.76
CA LYS A 156 -3.94 -21.74 3.83
C LYS A 156 -3.09 -21.65 5.09
N ASP A 157 -2.96 -20.42 5.61
CA ASP A 157 -2.44 -20.18 6.96
C ASP A 157 -1.01 -20.68 7.23
N TYR A 158 -0.04 -20.15 6.49
CA TYR A 158 1.36 -20.50 6.71
C TYR A 158 2.17 -19.30 7.16
N PHE A 159 3.40 -19.56 7.57
CA PHE A 159 4.31 -18.52 8.05
C PHE A 159 5.70 -19.14 8.27
N PRO A 160 6.76 -18.45 7.83
CA PRO A 160 6.70 -17.21 7.06
C PRO A 160 6.79 -17.49 5.56
N GLU A 161 7.14 -16.47 4.78
CA GLU A 161 7.37 -16.64 3.36
C GLU A 161 8.73 -17.31 3.15
N PRO A 162 8.94 -17.94 1.98
CA PRO A 162 7.97 -18.12 0.89
C PRO A 162 7.33 -19.50 0.86
N VAL A 163 6.48 -19.68 -0.14
CA VAL A 163 5.87 -20.95 -0.45
C VAL A 163 6.04 -21.11 -1.95
N THR A 164 6.39 -22.31 -2.39
CA THR A 164 6.45 -22.58 -3.83
C THR A 164 5.33 -23.53 -4.22
N VAL A 165 4.72 -23.26 -5.36
CA VAL A 165 3.72 -24.15 -5.92
C VAL A 165 4.13 -24.53 -7.32
N SER A 166 4.06 -25.82 -7.61
CA SER A 166 4.25 -26.31 -8.97
C SER A 166 3.04 -27.18 -9.25
N TRP A 167 2.83 -27.50 -10.52
CA TRP A 167 1.77 -28.41 -10.92
C TRP A 167 2.34 -29.58 -11.67
N ASN A 168 1.91 -30.78 -11.29
CA ASN A 168 2.45 -32.00 -11.87
C ASN A 168 3.99 -32.03 -11.86
N SER A 169 4.54 -31.69 -10.71
CA SER A 169 5.99 -31.71 -10.48
C SER A 169 6.76 -30.77 -11.43
N GLY A 170 6.07 -29.75 -11.92
CA GLY A 170 6.68 -28.77 -12.80
C GLY A 170 6.48 -29.06 -14.27
N ALA A 171 5.86 -30.19 -14.60
CA ALA A 171 5.55 -30.52 -15.98
C ALA A 171 4.45 -29.60 -16.53
N LEU A 172 3.62 -29.06 -15.64
CA LEU A 172 2.54 -28.20 -16.07
C LEU A 172 2.83 -26.75 -15.68
N THR A 173 3.10 -25.92 -16.68
CA THR A 173 3.40 -24.51 -16.40
C THR A 173 2.56 -23.56 -17.23
N SER A 174 2.14 -23.99 -18.42
CA SER A 174 1.32 -23.15 -19.27
C SER A 174 -0.04 -22.98 -18.62
N GLY A 175 -0.51 -21.73 -18.52
CA GLY A 175 -1.83 -21.47 -17.98
C GLY A 175 -1.89 -21.38 -16.46
N VAL A 176 -0.71 -21.48 -15.83
CA VAL A 176 -0.63 -21.44 -14.38
C VAL A 176 -0.51 -20.01 -13.88
N HIS A 177 -1.35 -19.65 -12.91
CA HIS A 177 -1.21 -18.36 -12.27
CA HIS A 177 -1.27 -18.35 -12.26
C HIS A 177 -1.15 -18.57 -10.77
N THR A 178 0.05 -18.38 -10.21
CA THR A 178 0.23 -18.47 -8.77
C THR A 178 0.23 -17.04 -8.22
N PHE A 179 -0.68 -16.76 -7.29
CA PHE A 179 -0.94 -15.40 -6.80
C PHE A 179 -0.12 -15.09 -5.57
N PRO A 180 0.36 -13.84 -5.46
CA PRO A 180 1.03 -13.43 -4.23
C PRO A 180 0.15 -13.61 -3.01
N ALA A 181 0.76 -13.88 -1.86
CA ALA A 181 0.03 -14.17 -0.64
C ALA A 181 -0.66 -12.96 0.00
N VAL A 182 -1.85 -13.19 0.56
CA VAL A 182 -2.44 -12.27 1.52
C VAL A 182 -1.71 -12.43 2.86
N LEU A 183 -1.44 -11.30 3.51
CA LEU A 183 -0.99 -11.34 4.88
C LEU A 183 -2.19 -11.01 5.76
N GLN A 184 -2.68 -12.02 6.46
CA GLN A 184 -3.91 -11.92 7.23
C GLN A 184 -3.72 -11.18 8.56
N SER A 185 -4.80 -10.59 9.09
CA SER A 185 -4.76 -9.87 10.35
C SER A 185 -4.33 -10.76 11.52
N SER A 186 -4.44 -12.08 11.31
CA SER A 186 -3.96 -13.06 12.27
C SER A 186 -2.44 -13.17 12.21
N GLY A 187 -1.85 -12.57 11.18
CA GLY A 187 -0.42 -12.59 10.99
C GLY A 187 0.05 -13.75 10.12
N LEU A 188 -0.89 -14.58 9.67
CA LEU A 188 -0.55 -15.72 8.82
C LEU A 188 -0.74 -15.40 7.33
N TYR A 189 -0.01 -16.10 6.48
CA TYR A 189 -0.14 -15.93 5.03
C TYR A 189 -1.00 -17.00 4.40
N SER A 190 -1.66 -16.65 3.30
CA SER A 190 -2.34 -17.63 2.46
C SER A 190 -2.16 -17.22 1.01
N LEU A 191 -2.05 -18.21 0.13
CA LEU A 191 -2.08 -17.90 -1.30
C LEU A 191 -2.86 -18.95 -2.07
N SER A 192 -3.08 -18.68 -3.35
CA SER A 192 -3.73 -19.66 -4.21
C SER A 192 -2.99 -19.76 -5.53
N SER A 193 -3.09 -20.92 -6.17
CA SER A 193 -2.56 -21.11 -7.51
C SER A 193 -3.68 -21.68 -8.33
N VAL A 194 -3.81 -21.22 -9.57
CA VAL A 194 -4.88 -21.73 -10.43
C VAL A 194 -4.26 -22.05 -11.79
N VAL A 195 -4.75 -23.12 -12.41
CA VAL A 195 -4.31 -23.42 -13.76
C VAL A 195 -5.55 -23.61 -14.63
N THR A 196 -5.49 -23.06 -15.83
CA THR A 196 -6.58 -23.22 -16.78
C THR A 196 -6.17 -24.32 -17.75
N VAL A 197 -7.01 -25.35 -17.86
CA VAL A 197 -6.68 -26.51 -18.67
C VAL A 197 -7.82 -26.80 -19.63
N PRO A 198 -7.54 -27.60 -20.67
CA PRO A 198 -8.63 -28.03 -21.56
C PRO A 198 -9.72 -28.75 -20.78
N SER A 199 -10.93 -28.18 -20.79
CA SER A 199 -12.07 -28.77 -20.11
C SER A 199 -12.30 -30.22 -20.55
N SER A 200 -11.92 -30.52 -21.78
CA SER A 200 -12.04 -31.86 -22.33
C SER A 200 -11.00 -32.82 -21.75
N SER A 201 -9.98 -32.27 -21.08
CA SER A 201 -8.91 -33.10 -20.54
C SER A 201 -9.19 -33.54 -19.10
N LEU A 202 -10.23 -32.98 -18.51
CA LEU A 202 -10.58 -33.24 -17.11
C LEU A 202 -10.76 -34.72 -16.77
N GLY A 203 -11.23 -35.50 -17.73
CA GLY A 203 -11.44 -36.92 -17.51
C GLY A 203 -10.24 -37.76 -17.89
N THR A 204 -9.22 -37.12 -18.44
CA THR A 204 -8.05 -37.82 -18.98
C THR A 204 -6.79 -37.53 -18.19
N GLN A 205 -6.53 -36.24 -17.97
CA GLN A 205 -5.31 -35.78 -17.34
C GLN A 205 -5.47 -35.61 -15.84
N THR A 206 -4.46 -36.04 -15.08
CA THR A 206 -4.47 -35.94 -13.63
C THR A 206 -3.75 -34.66 -13.23
N TYR A 207 -4.34 -33.89 -12.31
CA TYR A 207 -3.75 -32.61 -11.87
C TYR A 207 -3.39 -32.61 -10.39
N ILE A 208 -2.11 -32.37 -10.10
CA ILE A 208 -1.63 -32.35 -8.72
C ILE A 208 -0.85 -31.07 -8.48
N CYS A 209 -1.18 -30.34 -7.41
CA CYS A 209 -0.39 -29.17 -7.10
C CYS A 209 0.62 -29.64 -6.07
N ASN A 210 1.87 -29.23 -6.24
CA ASN A 210 2.94 -29.58 -5.31
C ASN A 210 3.29 -28.34 -4.51
N VAL A 211 3.01 -28.38 -3.22
CA VAL A 211 3.23 -27.22 -2.36
C VAL A 211 4.41 -27.47 -1.43
N ASN A 212 5.38 -26.56 -1.47
CA ASN A 212 6.56 -26.69 -0.62
C ASN A 212 6.70 -25.45 0.27
N HIS A 213 6.79 -25.68 1.58
CA HIS A 213 7.08 -24.60 2.52
C HIS A 213 8.29 -25.00 3.37
N LYS A 214 9.47 -24.67 2.86
CA LYS A 214 10.74 -25.06 3.49
C LYS A 214 10.92 -24.68 4.97
N PRO A 215 10.52 -23.46 5.38
CA PRO A 215 10.66 -23.11 6.80
C PRO A 215 10.05 -24.11 7.77
N SER A 216 9.04 -24.86 7.35
CA SER A 216 8.39 -25.84 8.21
C SER A 216 8.61 -27.27 7.74
N ASN A 217 9.56 -27.44 6.81
CA ASN A 217 9.81 -28.75 6.20
C ASN A 217 8.54 -29.39 5.67
N THR A 218 7.68 -28.57 5.08
CA THR A 218 6.37 -29.01 4.63
C THR A 218 6.32 -29.24 3.12
N LYS A 219 5.93 -30.45 2.75
CA LYS A 219 5.76 -30.82 1.35
C LYS A 219 4.42 -31.55 1.20
N VAL A 220 3.49 -30.92 0.49
CA VAL A 220 2.17 -31.49 0.28
C VAL A 220 1.90 -31.63 -1.21
N ASP A 221 1.45 -32.81 -1.63
CA ASP A 221 0.95 -32.99 -2.98
C ASP A 221 -0.55 -33.20 -2.91
N LYS A 222 -1.31 -32.27 -3.50
CA LYS A 222 -2.76 -32.38 -3.48
C LYS A 222 -3.31 -32.68 -4.87
N ARG A 223 -4.03 -33.77 -5.00
CA ARG A 223 -4.71 -34.04 -6.27
C ARG A 223 -5.94 -33.15 -6.36
N VAL A 224 -6.16 -32.59 -7.53
CA VAL A 224 -7.31 -31.70 -7.73
C VAL A 224 -8.20 -32.30 -8.80
N GLU A 225 -9.40 -32.69 -8.41
CA GLU A 225 -10.30 -33.34 -9.35
C GLU A 225 -11.71 -32.77 -9.23
N PRO A 226 -12.51 -32.90 -10.31
CA PRO A 226 -13.91 -32.40 -10.38
C PRO A 226 -14.74 -32.66 -9.13
N ASN B 1 -10.44 18.19 13.41
CA ASN B 1 -9.89 17.00 12.77
C ASN B 1 -10.59 16.67 11.46
N PHE B 2 -9.80 16.21 10.48
CA PHE B 2 -10.32 15.92 9.14
C PHE B 2 -9.47 14.89 8.42
N MET B 3 -9.98 14.42 7.29
CA MET B 3 -9.26 13.53 6.41
C MET B 3 -9.17 14.19 5.04
N LEU B 4 -8.23 13.72 4.23
CA LEU B 4 -8.08 14.17 2.85
C LEU B 4 -8.34 12.98 1.95
N THR B 5 -9.34 13.10 1.08
CA THR B 5 -9.75 11.98 0.25
C THR B 5 -9.31 12.17 -1.20
N GLN B 6 -8.60 11.18 -1.74
CA GLN B 6 -8.15 11.19 -3.12
C GLN B 6 -8.73 10.02 -3.88
N PRO B 7 -8.90 10.18 -5.19
CA PRO B 7 -9.27 9.02 -6.00
C PRO B 7 -8.21 7.93 -5.90
N HIS B 8 -8.62 6.67 -5.94
CA HIS B 8 -7.65 5.62 -5.79
C HIS B 8 -6.66 5.62 -6.96
N SER B 9 -7.14 5.97 -8.15
CA SER B 9 -6.28 5.90 -9.32
C SER B 9 -6.76 6.75 -10.49
N VAL B 10 -5.81 7.22 -11.27
CA VAL B 10 -6.10 8.00 -12.47
C VAL B 10 -5.14 7.51 -13.54
N SER B 11 -5.49 7.70 -14.80
CA SER B 11 -4.58 7.31 -15.88
C SER B 11 -4.82 8.12 -17.14
N GLU B 12 -3.78 8.24 -17.95
CA GLU B 12 -3.89 8.85 -19.26
C GLU B 12 -2.70 8.42 -20.10
N SER B 13 -2.81 8.61 -21.40
CA SER B 13 -1.72 8.30 -22.31
C SER B 13 -0.68 9.42 -22.29
N PRO B 14 0.53 9.15 -22.82
CA PRO B 14 1.57 10.18 -22.83
C PRO B 14 1.14 11.45 -23.55
N GLY B 15 1.54 12.60 -23.03
CA GLY B 15 1.30 13.85 -23.71
C GLY B 15 0.02 14.50 -23.23
N LYS B 16 -0.85 13.71 -22.59
CA LYS B 16 -2.13 14.22 -22.12
C LYS B 16 -1.99 14.91 -20.77
N THR B 17 -3.10 15.47 -20.30
CA THR B 17 -3.10 16.07 -18.98
C THR B 17 -4.00 15.31 -18.03
N VAL B 18 -3.53 15.11 -16.80
CA VAL B 18 -4.34 14.47 -15.79
C VAL B 18 -4.49 15.38 -14.58
N THR B 19 -5.61 15.22 -13.87
CA THR B 19 -5.84 15.99 -12.66
C THR B 19 -6.16 15.02 -11.53
N ILE B 20 -5.53 15.24 -10.38
CA ILE B 20 -5.78 14.44 -9.19
C ILE B 20 -6.37 15.34 -8.13
N SER B 21 -7.56 15.00 -7.63
CA SER B 21 -8.22 15.79 -6.58
C SER B 21 -7.86 15.34 -5.17
N CYS B 22 -8.10 16.22 -4.21
CA CYS B 22 -7.80 15.99 -2.80
C CYS B 22 -8.89 16.70 -2.03
N THR B 23 -9.89 15.97 -1.57
CA THR B 23 -11.03 16.62 -0.92
C THR B 23 -10.93 16.58 0.60
N ARG B 24 -11.03 17.75 1.23
CA ARG B 24 -11.02 17.84 2.68
C ARG B 24 -12.40 17.51 3.29
N SER B 25 -12.41 16.58 4.24
CA SER B 25 -13.65 16.02 4.75
C SER B 25 -14.45 16.96 5.66
N SER B 26 -13.77 17.90 6.30
CA SER B 26 -14.40 18.81 7.25
C SER B 26 -13.47 20.01 7.44
N GLY B 27 -14.04 21.21 7.55
CA GLY B 27 -13.24 22.41 7.55
C GLY B 27 -12.98 22.87 6.13
N SER B 28 -12.65 24.15 5.95
CA SER B 28 -12.40 24.63 4.60
C SER B 28 -10.98 24.31 4.15
N VAL B 29 -10.85 23.87 2.90
CA VAL B 29 -9.54 23.51 2.37
C VAL B 29 -8.61 24.72 2.36
N ALA B 30 -9.17 25.92 2.21
CA ALA B 30 -8.34 27.12 2.12
C ALA B 30 -7.83 27.58 3.49
N SER B 31 -8.20 26.87 4.54
CA SER B 31 -7.79 27.23 5.90
C SER B 31 -6.36 26.81 6.23
N ASP B 32 -5.83 25.85 5.48
CA ASP B 32 -4.48 25.33 5.73
C ASP B 32 -3.79 24.99 4.41
N TYR B 33 -2.50 25.27 4.29
CA TYR B 33 -1.75 25.03 3.06
C TYR B 33 -1.75 23.55 2.68
N VAL B 34 -1.82 23.28 1.38
CA VAL B 34 -1.76 21.92 0.84
C VAL B 34 -0.44 21.69 0.07
N GLN B 35 0.21 20.56 0.37
CA GLN B 35 1.41 20.12 -0.32
C GLN B 35 1.07 18.88 -1.15
N TRP B 36 1.87 18.61 -2.18
CA TRP B 36 1.73 17.38 -2.96
C TRP B 36 3.08 16.70 -3.06
N TYR B 37 3.07 15.36 -3.02
CA TYR B 37 4.28 14.57 -3.13
C TYR B 37 4.11 13.51 -4.21
N GLN B 38 5.20 13.25 -4.92
CA GLN B 38 5.27 12.17 -5.90
C GLN B 38 6.11 11.08 -5.29
N GLN B 39 5.63 9.84 -5.40
CA GLN B 39 6.43 8.71 -4.98
C GLN B 39 6.44 7.63 -6.04
N ARG B 40 7.56 7.53 -6.74
CA ARG B 40 7.77 6.45 -7.70
C ARG B 40 7.91 5.13 -6.96
N PRO B 41 7.48 4.03 -7.61
CA PRO B 41 7.50 2.75 -6.91
C PRO B 41 8.90 2.39 -6.42
N GLY B 42 9.01 2.05 -5.14
CA GLY B 42 10.29 1.67 -4.56
C GLY B 42 11.22 2.79 -4.15
N SER B 43 10.76 4.03 -4.27
CA SER B 43 11.61 5.19 -3.99
C SER B 43 11.04 6.08 -2.91
N ALA B 44 11.87 6.97 -2.37
CA ALA B 44 11.39 7.99 -1.45
C ALA B 44 10.50 8.98 -2.19
N PRO B 45 9.54 9.58 -1.47
CA PRO B 45 8.73 10.65 -2.07
C PRO B 45 9.60 11.90 -2.35
N THR B 46 9.10 12.75 -3.23
CA THR B 46 9.66 14.09 -3.48
C THR B 46 8.50 15.08 -3.48
N THR B 47 8.76 16.30 -3.03
CA THR B 47 7.71 17.29 -2.99
C THR B 47 7.57 17.93 -4.36
N VAL B 48 6.34 17.96 -4.88
CA VAL B 48 6.07 18.56 -6.17
C VAL B 48 5.29 19.87 -6.13
N VAL B 49 4.59 20.13 -5.02
CA VAL B 49 3.88 21.39 -4.80
C VAL B 49 3.93 21.69 -3.30
N TYR B 50 4.14 22.95 -2.93
CA TYR B 50 3.91 23.29 -1.53
C TYR B 50 3.12 24.59 -1.46
N GLU B 51 2.59 24.89 -0.27
CA GLU B 51 1.73 26.06 -0.09
C GLU B 51 0.71 26.28 -1.22
N ASP B 52 -0.04 25.22 -1.55
CA ASP B 52 -1.15 25.20 -2.53
C ASP B 52 -0.71 25.22 -4.00
N ASN B 53 0.19 26.14 -4.35
CA ASN B 53 0.52 26.38 -5.75
C ASN B 53 1.96 26.84 -6.02
N GLN B 54 2.86 26.53 -5.08
CA GLN B 54 4.27 26.89 -5.25
C GLN B 54 5.05 25.68 -5.77
N ARG B 55 5.84 25.91 -6.80
CA ARG B 55 6.58 24.81 -7.42
C ARG B 55 8.01 24.86 -6.92
N PRO B 56 8.49 23.76 -6.31
CA PRO B 56 9.88 23.70 -5.85
C PRO B 56 10.86 23.80 -7.00
N SER B 57 12.04 24.31 -6.72
CA SER B 57 13.09 24.34 -7.71
C SER B 57 13.39 22.90 -8.08
N GLY B 58 13.56 22.67 -9.37
CA GLY B 58 13.91 21.35 -9.86
C GLY B 58 12.72 20.53 -10.32
N VAL B 59 11.50 20.98 -9.99
CA VAL B 59 10.30 20.29 -10.42
C VAL B 59 9.80 20.88 -11.74
N PRO B 60 9.51 20.02 -12.73
CA PRO B 60 9.11 20.51 -14.06
C PRO B 60 7.81 21.32 -13.94
N ASP B 61 7.70 22.38 -14.75
CA ASP B 61 6.48 23.20 -14.72
C ASP B 61 5.24 22.47 -15.27
N ARG B 62 5.41 21.21 -15.62
CA ARG B 62 4.27 20.36 -15.97
C ARG B 62 3.39 20.06 -14.76
N PHE B 63 3.96 20.19 -13.56
CA PHE B 63 3.24 19.94 -12.30
C PHE B 63 2.75 21.25 -11.73
N SER B 64 1.44 21.35 -11.48
CA SER B 64 0.91 22.61 -10.92
C SER B 64 -0.22 22.32 -9.96
N GLY B 65 -0.14 22.94 -8.79
CA GLY B 65 -1.17 22.77 -7.79
C GLY B 65 -2.15 23.93 -7.76
N SER B 66 -3.37 23.65 -7.33
CA SER B 66 -4.39 24.69 -7.18
C SER B 66 -5.38 24.32 -6.08
N ILE B 67 -6.18 25.30 -5.70
CA ILE B 67 -7.26 25.09 -4.73
C ILE B 67 -8.60 25.44 -5.35
N ASP B 68 -9.60 24.60 -5.12
CA ASP B 68 -10.96 24.91 -5.54
C ASP B 68 -11.90 24.94 -4.34
N SER B 69 -12.16 26.12 -3.81
CA SER B 69 -12.97 26.25 -2.59
C SER B 69 -14.38 25.73 -2.75
N SER B 70 -14.92 25.81 -3.96
CA SER B 70 -16.30 25.45 -4.20
C SER B 70 -16.52 23.96 -4.05
N SER B 71 -15.47 23.15 -4.18
CA SER B 71 -15.60 21.70 -4.02
C SER B 71 -14.79 21.24 -2.81
N ASN B 72 -14.36 22.19 -2.01
CA ASN B 72 -13.49 21.94 -0.86
C ASN B 72 -12.30 21.04 -1.15
N SER B 73 -11.70 21.24 -2.33
CA SER B 73 -10.65 20.37 -2.80
C SER B 73 -9.41 21.14 -3.19
N ALA B 74 -8.29 20.41 -3.19
CA ALA B 74 -7.05 20.85 -3.82
C ALA B 74 -6.88 19.95 -5.04
N SER B 75 -6.16 20.42 -6.06
CA SER B 75 -5.88 19.58 -7.22
C SER B 75 -4.44 19.67 -7.66
N LEU B 76 -3.89 18.54 -8.10
CA LEU B 76 -2.60 18.51 -8.78
C LEU B 76 -2.85 18.24 -10.27
N THR B 77 -2.36 19.14 -11.11
CA THR B 77 -2.44 18.96 -12.55
C THR B 77 -1.08 18.47 -13.01
N ILE B 78 -1.07 17.39 -13.77
CA ILE B 78 0.16 16.94 -14.43
C ILE B 78 -0.05 17.00 -15.93
N SER B 79 0.64 17.95 -16.56
CA SER B 79 0.49 18.25 -17.98
C SER B 79 1.60 17.59 -18.79
N GLY B 80 1.34 17.40 -20.09
CA GLY B 80 2.32 16.79 -20.98
C GLY B 80 2.90 15.50 -20.43
N LEU B 81 2.01 14.60 -19.98
CA LEU B 81 2.39 13.36 -19.29
C LEU B 81 3.54 12.63 -19.94
N LYS B 82 4.52 12.26 -19.11
CA LYS B 82 5.64 11.47 -19.57
C LYS B 82 5.63 10.13 -18.82
N THR B 83 6.25 9.11 -19.40
CA THR B 83 6.25 7.79 -18.77
C THR B 83 6.79 7.84 -17.33
N GLU B 84 7.79 8.69 -17.08
CA GLU B 84 8.35 8.82 -15.73
C GLU B 84 7.43 9.44 -14.70
N ASP B 85 6.28 9.95 -15.12
CA ASP B 85 5.34 10.52 -14.17
C ASP B 85 4.54 9.44 -13.44
N GLU B 86 4.65 8.20 -13.94
CA GLU B 86 3.92 7.09 -13.31
C GLU B 86 4.46 6.92 -11.88
N ALA B 87 3.56 7.06 -10.91
CA ALA B 87 3.92 7.14 -9.50
C ALA B 87 2.64 7.24 -8.68
N ASP B 88 2.78 7.13 -7.36
CA ASP B 88 1.69 7.46 -6.45
C ASP B 88 1.86 8.92 -6.07
N TYR B 89 0.74 9.64 -5.95
CA TYR B 89 0.77 11.07 -5.57
C TYR B 89 -0.06 11.24 -4.29
N TYR B 90 0.50 11.96 -3.32
CA TYR B 90 -0.17 12.22 -2.05
C TYR B 90 -0.35 13.69 -1.82
N CYS B 91 -1.55 14.08 -1.42
CA CYS B 91 -1.75 15.43 -0.92
C CYS B 91 -1.55 15.42 0.59
N GLN B 92 -1.36 16.62 1.15
CA GLN B 92 -1.05 16.76 2.57
C GLN B 92 -1.40 18.17 3.06
N SER B 93 -2.01 18.25 4.24
CA SER B 93 -2.29 19.54 4.85
C SER B 93 -2.08 19.45 6.36
N TYR B 94 -2.60 20.42 7.08
CA TYR B 94 -2.33 20.49 8.50
C TYR B 94 -3.61 20.54 9.30
N ASP B 95 -3.62 19.76 10.37
CA ASP B 95 -4.70 19.81 11.33
C ASP B 95 -4.12 20.15 12.69
N ASN B 96 -4.11 21.44 13.02
CA ASN B 96 -3.67 21.89 14.34
C ASN B 96 -2.34 21.29 14.73
N SER B 97 -1.30 21.67 14.00
CA SER B 97 0.05 21.18 14.24
C SER B 97 0.37 19.79 13.68
N SER B 98 -0.63 18.93 13.54
CA SER B 98 -0.40 17.60 12.97
C SER B 98 -0.53 17.58 11.45
N TRP B 99 0.34 16.83 10.78
CA TRP B 99 0.28 16.71 9.33
C TRP B 99 -0.70 15.59 8.94
N VAL B 100 -1.55 15.85 7.97
CA VAL B 100 -2.56 14.90 7.51
C VAL B 100 -2.29 14.62 6.04
N PHE B 101 -2.14 13.33 5.70
CA PHE B 101 -1.91 12.92 4.32
C PHE B 101 -3.18 12.36 3.71
N GLY B 102 -3.40 12.64 2.43
CA GLY B 102 -4.44 11.94 1.69
C GLY B 102 -4.02 10.50 1.52
N GLY B 103 -4.95 9.65 1.06
CA GLY B 103 -4.69 8.21 0.95
C GLY B 103 -3.79 7.79 -0.20
N GLY B 104 -3.48 8.74 -1.09
CA GLY B 104 -2.67 8.46 -2.27
C GLY B 104 -3.49 8.14 -3.49
N THR B 105 -2.96 8.53 -4.65
CA THR B 105 -3.56 8.20 -5.94
C THR B 105 -2.50 7.57 -6.83
N LYS B 106 -2.78 6.37 -7.35
CA LYS B 106 -1.89 5.74 -8.32
C LYS B 106 -2.09 6.33 -9.71
N LEU B 107 -1.06 6.94 -10.26
CA LEU B 107 -1.15 7.44 -11.64
C LEU B 107 -0.49 6.44 -12.55
N THR B 108 -1.24 5.99 -13.55
CA THR B 108 -0.68 5.10 -14.57
C THR B 108 -0.58 5.87 -15.86
N VAL B 109 0.61 5.87 -16.45
CA VAL B 109 0.75 6.42 -17.79
C VAL B 109 0.56 5.27 -18.76
N LEU B 110 -0.55 5.30 -19.50
CA LEU B 110 -0.95 4.12 -20.28
C LEU B 110 0.09 3.65 -21.30
N GLY B 111 0.56 2.42 -21.15
CA GLY B 111 1.55 1.87 -22.06
C GLY B 111 1.03 0.74 -22.94
N GLN B 112 -0.24 0.39 -22.72
CA GLN B 112 -0.93 -0.66 -23.46
C GLN B 112 -2.42 -0.35 -23.27
N PRO B 113 -3.30 -1.02 -24.03
CA PRO B 113 -4.72 -0.71 -23.85
C PRO B 113 -5.25 -1.08 -22.47
N LYS B 114 -6.30 -0.40 -22.03
CA LYS B 114 -6.94 -0.77 -20.78
C LYS B 114 -7.46 -2.17 -20.93
N ALA B 115 -7.32 -2.97 -19.88
CA ALA B 115 -7.73 -4.37 -19.93
C ALA B 115 -8.55 -4.72 -18.70
N ALA B 116 -9.74 -5.26 -18.93
CA ALA B 116 -10.66 -5.65 -17.84
C ALA B 116 -10.18 -6.94 -17.18
N PRO B 117 -10.44 -7.09 -15.88
CA PRO B 117 -9.93 -8.22 -15.10
C PRO B 117 -10.58 -9.54 -15.52
N SER B 118 -9.81 -10.63 -15.51
CA SER B 118 -10.41 -11.96 -15.57
C SER B 118 -10.59 -12.44 -14.15
N VAL B 119 -11.78 -12.94 -13.82
CA VAL B 119 -12.10 -13.26 -12.45
C VAL B 119 -12.56 -14.70 -12.34
N THR B 120 -11.97 -15.42 -11.40
CA THR B 120 -12.43 -16.77 -11.10
C THR B 120 -12.75 -16.88 -9.62
N LEU B 121 -13.95 -17.35 -9.29
CA LEU B 121 -14.36 -17.52 -7.89
C LEU B 121 -14.53 -19.00 -7.56
N PHE B 122 -13.87 -19.47 -6.50
CA PHE B 122 -14.01 -20.84 -6.02
C PHE B 122 -14.74 -20.90 -4.70
N PRO B 123 -15.66 -21.87 -4.56
CA PRO B 123 -16.37 -22.09 -3.30
C PRO B 123 -15.44 -22.81 -2.34
N PRO B 124 -15.81 -22.91 -1.05
CA PRO B 124 -14.95 -23.69 -0.14
C PRO B 124 -14.93 -25.16 -0.55
N SER B 125 -13.80 -25.83 -0.35
CA SER B 125 -13.67 -27.23 -0.72
C SER B 125 -14.37 -28.12 0.29
N SER B 126 -14.71 -29.34 -0.12
CA SER B 126 -15.27 -30.34 0.78
C SER B 126 -14.32 -30.53 1.95
N GLU B 127 -13.03 -30.59 1.62
CA GLU B 127 -11.99 -30.89 2.58
C GLU B 127 -11.94 -29.84 3.67
N GLU B 128 -11.97 -28.58 3.27
CA GLU B 128 -11.98 -27.47 4.22
C GLU B 128 -13.25 -27.53 5.10
N LEU B 129 -14.41 -27.72 4.46
CA LEU B 129 -15.68 -27.76 5.19
C LEU B 129 -15.70 -28.85 6.26
N GLN B 130 -15.08 -29.98 5.96
CA GLN B 130 -14.96 -31.07 6.92
C GLN B 130 -13.99 -30.69 8.05
N ALA B 131 -13.09 -29.75 7.77
CA ALA B 131 -12.18 -29.25 8.79
C ALA B 131 -12.81 -28.07 9.52
N ASN B 132 -14.12 -27.90 9.32
CA ASN B 132 -14.91 -26.91 10.05
C ASN B 132 -14.58 -25.45 9.71
N LYS B 133 -13.89 -25.26 8.58
CA LYS B 133 -13.62 -23.91 8.06
C LYS B 133 -14.25 -23.73 6.69
N ALA B 134 -14.22 -22.51 6.17
CA ALA B 134 -14.77 -22.22 4.85
C ALA B 134 -14.14 -20.95 4.30
N THR B 135 -13.54 -21.06 3.12
CA THR B 135 -12.93 -19.91 2.47
C THR B 135 -13.40 -19.79 1.01
N LEU B 136 -13.89 -18.62 0.65
CA LEU B 136 -14.20 -18.30 -0.74
C LEU B 136 -12.98 -17.60 -1.33
N VAL B 137 -12.59 -18.02 -2.53
CA VAL B 137 -11.37 -17.53 -3.15
C VAL B 137 -11.68 -16.83 -4.46
N CYS B 138 -11.41 -15.51 -4.51
CA CYS B 138 -11.65 -14.74 -5.71
C CYS B 138 -10.31 -14.34 -6.33
N LEU B 139 -10.02 -14.90 -7.50
CA LEU B 139 -8.76 -14.63 -8.17
C LEU B 139 -8.96 -13.68 -9.35
N ILE B 140 -8.13 -12.64 -9.42
CA ILE B 140 -8.32 -11.54 -10.34
C ILE B 140 -7.01 -11.28 -11.12
N SER B 141 -7.07 -11.29 -12.45
CA SER B 141 -5.83 -11.25 -13.23
C SER B 141 -6.00 -10.53 -14.56
N ASP B 142 -4.87 -10.18 -15.14
CA ASP B 142 -4.79 -9.53 -16.45
C ASP B 142 -5.52 -8.18 -16.53
N PHE B 143 -5.56 -7.41 -15.45
CA PHE B 143 -6.15 -6.08 -15.55
C PHE B 143 -5.11 -4.97 -15.67
N TYR B 144 -5.53 -3.88 -16.30
CA TYR B 144 -4.66 -2.72 -16.54
C TYR B 144 -5.51 -1.49 -16.84
N PRO B 145 -5.23 -0.37 -16.15
CA PRO B 145 -4.25 -0.16 -15.08
C PRO B 145 -4.46 -1.02 -13.82
N GLY B 146 -3.46 -0.97 -12.94
CA GLY B 146 -3.39 -1.86 -11.79
C GLY B 146 -4.10 -1.35 -10.54
N ALA B 147 -5.41 -1.28 -10.62
CA ALA B 147 -6.22 -0.81 -9.52
C ALA B 147 -7.62 -1.37 -9.69
N VAL B 148 -8.10 -2.06 -8.66
CA VAL B 148 -9.46 -2.56 -8.66
C VAL B 148 -10.04 -2.35 -7.27
N THR B 149 -11.35 -2.38 -7.17
CA THR B 149 -11.99 -2.48 -5.87
C THR B 149 -12.78 -3.77 -5.81
N VAL B 150 -12.74 -4.43 -4.66
CA VAL B 150 -13.43 -5.70 -4.51
C VAL B 150 -14.45 -5.64 -3.37
N ALA B 151 -15.70 -5.94 -3.69
CA ALA B 151 -16.76 -6.06 -2.70
C ALA B 151 -17.36 -7.45 -2.70
N TRP B 152 -17.72 -7.93 -1.52
CA TRP B 152 -18.36 -9.24 -1.39
C TRP B 152 -19.83 -9.11 -1.04
N LYS B 153 -20.61 -10.10 -1.46
CA LYS B 153 -22.03 -10.13 -1.16
C LYS B 153 -22.41 -11.50 -0.60
N ALA B 154 -23.12 -11.49 0.52
CA ALA B 154 -23.84 -12.67 0.99
C ALA B 154 -25.25 -12.51 0.42
N ASP B 155 -25.61 -13.39 -0.51
CA ASP B 155 -26.76 -13.15 -1.37
C ASP B 155 -26.57 -11.81 -2.06
N SER B 156 -27.31 -10.79 -1.63
CA SER B 156 -27.14 -9.45 -2.20
C SER B 156 -26.72 -8.38 -1.17
N SER B 157 -26.54 -8.80 0.08
CA SER B 157 -26.09 -7.91 1.15
C SER B 157 -24.57 -7.85 1.23
N PRO B 158 -24.03 -6.66 1.53
CA PRO B 158 -22.59 -6.48 1.73
C PRO B 158 -22.06 -7.31 2.91
N VAL B 159 -20.93 -7.96 2.69
CA VAL B 159 -20.17 -8.59 3.76
C VAL B 159 -18.96 -7.71 4.04
N LYS B 160 -18.70 -7.44 5.31
CA LYS B 160 -17.54 -6.63 5.66
C LYS B 160 -16.47 -7.44 6.38
N ALA B 161 -16.86 -8.14 7.44
CA ALA B 161 -15.94 -8.93 8.23
C ALA B 161 -15.50 -10.17 7.47
N GLY B 162 -14.27 -10.61 7.73
CA GLY B 162 -13.75 -11.83 7.16
C GLY B 162 -13.16 -11.66 5.78
N VAL B 163 -13.20 -10.43 5.25
CA VAL B 163 -12.65 -10.15 3.92
C VAL B 163 -11.20 -9.67 3.99
N GLU B 164 -10.33 -10.33 3.23
CA GLU B 164 -8.94 -9.90 3.11
C GLU B 164 -8.47 -9.93 1.65
N THR B 165 -7.93 -8.80 1.20
CA THR B 165 -7.67 -8.56 -0.21
C THR B 165 -6.23 -8.09 -0.39
N THR B 166 -5.54 -8.63 -1.39
CA THR B 166 -4.14 -8.27 -1.65
C THR B 166 -4.09 -6.93 -2.37
N THR B 167 -2.94 -6.31 -2.36
CA THR B 167 -2.70 -5.17 -3.23
C THR B 167 -2.44 -5.75 -4.60
N PRO B 168 -2.69 -4.98 -5.65
CA PRO B 168 -2.40 -5.50 -6.99
C PRO B 168 -0.90 -5.65 -7.20
N SER B 169 -0.51 -6.69 -7.93
CA SER B 169 0.89 -6.91 -8.25
C SER B 169 1.06 -7.07 -9.75
N LYS B 170 2.18 -6.59 -10.27
CA LYS B 170 2.40 -6.62 -11.71
C LYS B 170 2.73 -8.03 -12.17
N GLN B 171 2.09 -8.44 -13.27
CA GLN B 171 2.35 -9.72 -13.92
C GLN B 171 3.50 -9.55 -14.92
N SER B 172 3.92 -10.64 -15.54
CA SER B 172 5.03 -10.58 -16.48
C SER B 172 4.63 -9.92 -17.80
N ASN B 173 3.34 -9.85 -18.08
CA ASN B 173 2.85 -9.18 -19.28
C ASN B 173 2.51 -7.72 -19.00
N ASN B 174 2.91 -7.27 -17.82
CA ASN B 174 2.73 -5.87 -17.37
C ASN B 174 1.30 -5.49 -17.01
N LYS B 175 0.41 -6.49 -17.04
CA LYS B 175 -0.91 -6.34 -16.45
C LYS B 175 -0.81 -6.74 -14.99
N TYR B 176 -1.92 -6.70 -14.28
CA TYR B 176 -1.87 -6.85 -12.84
C TYR B 176 -2.75 -7.99 -12.37
N ALA B 177 -2.45 -8.49 -11.17
CA ALA B 177 -3.22 -9.53 -10.52
C ALA B 177 -3.48 -9.18 -9.06
N ALA B 178 -4.62 -9.62 -8.54
CA ALA B 178 -4.93 -9.51 -7.11
C ALA B 178 -5.78 -10.70 -6.72
N SER B 179 -6.00 -10.86 -5.43
CA SER B 179 -6.88 -11.91 -4.94
C SER B 179 -7.60 -11.44 -3.69
N SER B 180 -8.80 -11.95 -3.48
CA SER B 180 -9.58 -11.59 -2.31
C SER B 180 -10.13 -12.87 -1.70
N TYR B 181 -10.12 -12.92 -0.37
CA TYR B 181 -10.55 -14.11 0.36
C TYR B 181 -11.64 -13.73 1.34
N LEU B 182 -12.70 -14.54 1.38
CA LEU B 182 -13.78 -14.35 2.34
C LEU B 182 -13.82 -15.54 3.28
N SER B 183 -13.57 -15.27 4.55
CA SER B 183 -13.65 -16.31 5.57
C SER B 183 -15.07 -16.42 6.12
N LEU B 184 -15.54 -17.66 6.24
CA LEU B 184 -16.86 -17.95 6.77
C LEU B 184 -16.82 -19.20 7.62
N THR B 185 -17.78 -19.32 8.52
CA THR B 185 -18.04 -20.59 9.17
C THR B 185 -18.86 -21.42 8.18
N PRO B 186 -18.72 -22.76 8.25
CA PRO B 186 -19.50 -23.64 7.38
C PRO B 186 -21.00 -23.34 7.46
N GLU B 187 -21.46 -22.96 8.65
CA GLU B 187 -22.86 -22.61 8.88
C GLU B 187 -23.28 -21.43 8.00
N GLN B 188 -22.47 -20.37 8.00
CA GLN B 188 -22.75 -19.19 7.19
C GLN B 188 -22.83 -19.53 5.70
N TRP B 189 -21.86 -20.31 5.23
CA TRP B 189 -21.82 -20.74 3.84
C TRP B 189 -23.11 -21.40 3.38
N LYS B 190 -23.59 -22.38 4.16
CA LYS B 190 -24.83 -23.07 3.85
C LYS B 190 -26.07 -22.20 4.09
N SER B 191 -25.91 -21.17 4.91
CA SER B 191 -27.07 -20.35 5.33
C SER B 191 -27.58 -19.38 4.26
N HIS B 192 -26.74 -19.10 3.26
CA HIS B 192 -27.15 -18.22 2.17
C HIS B 192 -27.30 -19.00 0.87
N ARG B 193 -27.96 -18.41 -0.12
CA ARG B 193 -28.18 -19.09 -1.40
C ARG B 193 -26.91 -19.00 -2.24
N SER B 194 -26.13 -17.96 -2.01
CA SER B 194 -24.91 -17.75 -2.78
C SER B 194 -24.04 -16.66 -2.19
N TYR B 195 -22.81 -16.61 -2.68
CA TYR B 195 -21.90 -15.52 -2.35
C TYR B 195 -21.33 -14.99 -3.65
N SER B 196 -20.98 -13.70 -3.65
CA SER B 196 -20.58 -13.03 -4.87
C SER B 196 -19.31 -12.24 -4.65
N CYS B 197 -18.37 -12.39 -5.57
CA CYS B 197 -17.18 -11.55 -5.61
C CYS B 197 -17.32 -10.52 -6.74
N GLN B 198 -17.30 -9.24 -6.38
CA GLN B 198 -17.53 -8.18 -7.34
C GLN B 198 -16.30 -7.30 -7.51
N VAL B 199 -15.72 -7.34 -8.71
CA VAL B 199 -14.50 -6.62 -8.97
C VAL B 199 -14.75 -5.45 -9.91
N THR B 200 -14.57 -4.23 -9.40
CA THR B 200 -14.78 -3.02 -10.18
C THR B 200 -13.45 -2.50 -10.72
N HIS B 201 -13.37 -2.32 -12.04
CA HIS B 201 -12.16 -1.83 -12.70
C HIS B 201 -12.48 -0.75 -13.74
N GLU B 202 -11.91 0.45 -13.56
CA GLU B 202 -12.20 1.59 -14.44
C GLU B 202 -13.70 1.77 -14.60
N GLY B 203 -14.41 1.82 -13.47
CA GLY B 203 -15.82 2.13 -13.45
C GLY B 203 -16.71 0.98 -13.85
N SER B 204 -16.09 -0.11 -14.31
CA SER B 204 -16.80 -1.27 -14.82
C SER B 204 -16.59 -2.47 -13.88
N THR B 205 -17.69 -3.07 -13.44
CA THR B 205 -17.62 -4.14 -12.43
C THR B 205 -17.78 -5.54 -13.00
N VAL B 206 -16.80 -6.41 -12.73
CA VAL B 206 -16.86 -7.82 -13.07
C VAL B 206 -17.27 -8.62 -11.84
N GLU B 207 -18.31 -9.45 -11.96
CA GLU B 207 -18.87 -10.17 -10.83
C GLU B 207 -18.83 -11.69 -11.03
N LYS B 208 -18.58 -12.42 -9.94
CA LYS B 208 -18.64 -13.88 -9.97
C LYS B 208 -19.38 -14.37 -8.73
N THR B 209 -20.10 -15.47 -8.87
CA THR B 209 -20.95 -16.00 -7.81
C THR B 209 -20.86 -17.52 -7.70
N VAL B 210 -20.81 -18.01 -6.47
CA VAL B 210 -20.88 -19.45 -6.22
C VAL B 210 -21.99 -19.77 -5.23
N ALA B 211 -22.35 -21.04 -5.17
CA ALA B 211 -23.48 -21.46 -4.35
C ALA B 211 -23.22 -22.84 -3.77
N PRO B 212 -23.69 -23.06 -2.53
CA PRO B 212 -23.62 -24.35 -1.85
C PRO B 212 -24.42 -25.41 -2.60
N THR B 213 -23.77 -26.12 -3.51
CA THR B 213 -24.34 -27.29 -4.21
C THR B 213 -23.27 -27.92 -5.08
N ASP C 4 -3.00 34.42 6.68
CA ASP C 4 -3.37 33.53 7.78
C ASP C 4 -2.82 32.11 7.66
N LYS C 5 -2.84 31.53 6.46
CA LYS C 5 -2.19 30.23 6.27
C LYS C 5 -0.71 30.40 6.55
N LYS C 6 -0.17 31.57 6.22
CA LYS C 6 1.23 31.86 6.49
C LYS C 6 1.47 31.99 7.99
N GLN C 7 0.58 32.68 8.69
CA GLN C 7 0.68 32.80 10.14
C GLN C 7 0.71 31.42 10.79
N LYS C 8 -0.14 30.52 10.28
CA LYS C 8 -0.22 29.18 10.81
C LYS C 8 1.09 28.41 10.63
N VAL C 9 1.69 28.49 9.44
CA VAL C 9 2.95 27.78 9.21
C VAL C 9 4.15 28.41 9.96
N HIS C 10 4.13 29.73 10.14
CA HIS C 10 5.14 30.35 11.00
C HIS C 10 5.02 29.84 12.43
N ALA C 11 3.79 29.78 12.94
CA ALA C 11 3.57 29.28 14.29
C ALA C 11 4.09 27.85 14.39
N LEU C 12 3.95 27.11 13.30
CA LEU C 12 4.37 25.73 13.26
C LEU C 12 5.89 25.56 13.21
N PHE C 13 6.55 26.42 12.43
CA PHE C 13 7.88 26.10 11.91
C PHE C 13 8.95 27.17 12.12
N TYR C 14 8.54 28.42 12.29
CA TYR C 14 9.55 29.47 12.33
C TYR C 14 10.50 29.27 13.51
N LYS C 15 11.80 29.21 13.20
CA LYS C 15 12.82 29.12 14.22
C LYS C 15 13.97 30.01 13.83
N LEU C 16 14.51 30.69 14.82
CA LEU C 16 15.74 31.45 14.64
C LEU C 16 16.82 30.68 15.40
N ASP C 17 17.75 30.08 14.67
CA ASP C 17 18.80 29.27 15.28
C ASP C 17 19.82 30.17 15.95
N ILE C 18 20.42 29.70 17.03
CA ILE C 18 21.38 30.50 17.80
C ILE C 18 22.62 30.87 16.97
#